data_4UXU
#
_entry.id   4UXU
#
_cell.length_a   63.434
_cell.length_b   66.246
_cell.length_c   75.191
_cell.angle_alpha   90.00
_cell.angle_beta   102.76
_cell.angle_gamma   90.00
#
_symmetry.space_group_name_H-M   'P 1 21 1'
#
loop_
_entity.id
_entity.type
_entity.pdbx_description
1 polymer 'NEURONAL ACETYLCHOLINE RECEPTOR SUBUNIT ALPHA-9'
2 non-polymer METHYLLYCACONITINE
3 non-polymer '4-(2-HYDROXYETHYL)-1-PIPERAZINE ETHANESULFONIC ACID'
4 non-polymer 1,2-ETHANEDIOL
5 non-polymer 'SODIUM ION'
6 non-polymer 2-acetamido-2-deoxy-beta-D-glucopyranose
7 water water
#
_entity_poly.entity_id   1
_entity_poly.type   'polypeptide(L)'
_entity_poly.pdbx_seq_one_letter_code
;ADGKYAQKLFNDLFEDYSNALRPVEDTDKVLNVTLQITLSQIKDMDERNQILTAYLWIRQIWHDAYLTWDRDQYDGLDSI
RIPSDLVWRPDIVLYNKADDESSEPVNTNVVLRYDGLITWDAPAITKSSCVVDVTYFPFDNQQCNLTFGSWTYNGNQVDI
FNALDSGDLSDFIEDVEWEVHGMPAVKNVISYGCCSEPYPDVTFTLLLKRRSHHHHHH
;
_entity_poly.pdbx_strand_id   A,B
#
# COMPACT_ATOMS: atom_id res chain seq x y z
N GLY A 3 -36.34 11.06 -34.36
CA GLY A 3 -34.94 11.13 -34.02
C GLY A 3 -34.65 10.52 -32.65
N LYS A 4 -35.04 9.27 -32.47
CA LYS A 4 -34.91 8.62 -31.18
C LYS A 4 -33.54 7.96 -31.04
N TYR A 5 -32.49 8.76 -31.20
CA TYR A 5 -31.12 8.25 -31.13
C TYR A 5 -30.69 7.78 -29.75
N ALA A 6 -31.14 8.43 -28.68
CA ALA A 6 -30.79 7.98 -27.33
C ALA A 6 -31.42 6.63 -27.02
N GLN A 7 -32.68 6.45 -27.44
CA GLN A 7 -33.33 5.15 -27.28
C GLN A 7 -32.57 4.08 -28.06
N LYS A 8 -32.19 4.40 -29.29
CA LYS A 8 -31.46 3.44 -30.12
C LYS A 8 -30.14 3.06 -29.46
N LEU A 9 -29.41 4.06 -28.97
CA LEU A 9 -28.14 3.84 -28.28
C LEU A 9 -28.34 2.98 -27.04
N PHE A 10 -29.35 3.31 -26.24
CA PHE A 10 -29.59 2.56 -25.01
C PHE A 10 -29.86 1.10 -25.31
N ASN A 11 -30.70 0.86 -26.31
CA ASN A 11 -31.03 -0.50 -26.69
C ASN A 11 -29.80 -1.24 -27.21
N ASP A 12 -28.96 -0.55 -27.97
CA ASP A 12 -27.75 -1.15 -28.51
C ASP A 12 -26.76 -1.49 -27.41
N LEU A 13 -26.59 -0.59 -26.45
CA LEU A 13 -25.64 -0.76 -25.35
C LEU A 13 -26.04 -1.90 -24.43
N PHE A 14 -27.32 -2.00 -24.12
CA PHE A 14 -27.76 -2.92 -23.08
C PHE A 14 -28.42 -4.20 -23.61
N GLU A 15 -28.33 -4.40 -24.92
CA GLU A 15 -28.83 -5.63 -25.53
C GLU A 15 -28.23 -6.89 -24.91
N ASP A 16 -26.91 -6.91 -24.76
CA ASP A 16 -26.26 -8.08 -24.17
C ASP A 16 -25.29 -7.65 -23.07
N TYR A 17 -25.83 -7.00 -22.04
CA TYR A 17 -24.99 -6.45 -20.99
C TYR A 17 -25.40 -7.00 -19.63
N SER A 18 -24.41 -7.35 -18.82
CA SER A 18 -24.67 -7.80 -17.46
C SER A 18 -24.04 -6.88 -16.41
N ASN A 19 -24.89 -6.28 -15.58
CA ASN A 19 -24.38 -5.41 -14.51
C ASN A 19 -23.72 -6.18 -13.36
N ALA A 20 -23.71 -7.50 -13.44
CA ALA A 20 -23.07 -8.33 -12.41
C ALA A 20 -21.56 -8.45 -12.64
N LEU A 21 -21.12 -8.25 -13.88
CA LEU A 21 -19.75 -8.54 -14.29
C LEU A 21 -18.86 -7.29 -14.33
N ARG A 22 -17.76 -7.33 -13.60
CA ARG A 22 -16.75 -6.30 -13.69
C ARG A 22 -16.37 -6.10 -15.15
N PRO A 23 -16.54 -4.87 -15.67
CA PRO A 23 -16.55 -4.65 -17.12
C PRO A 23 -15.18 -4.52 -17.76
N VAL A 24 -14.38 -5.58 -17.64
CA VAL A 24 -13.11 -5.68 -18.33
C VAL A 24 -13.19 -6.79 -19.38
N GLU A 25 -12.44 -6.62 -20.45
CA GLU A 25 -12.40 -7.60 -21.54
C GLU A 25 -11.63 -8.85 -21.13
N ASP A 26 -10.70 -8.67 -20.20
CA ASP A 26 -9.80 -9.71 -19.73
C ASP A 26 -9.84 -9.69 -18.21
N THR A 27 -10.31 -10.78 -17.60
CA THR A 27 -10.53 -10.81 -16.15
C THR A 27 -9.24 -10.64 -15.35
N ASP A 28 -8.10 -10.94 -15.98
CA ASP A 28 -6.81 -10.78 -15.31
C ASP A 28 -6.32 -9.34 -15.31
N LYS A 29 -6.99 -8.47 -16.06
CA LYS A 29 -6.67 -7.04 -16.08
C LYS A 29 -7.39 -6.31 -14.94
N VAL A 30 -6.83 -5.18 -14.51
CA VAL A 30 -7.42 -4.42 -13.42
C VAL A 30 -8.45 -3.41 -13.95
N LEU A 31 -9.40 -3.02 -13.10
CA LEU A 31 -10.27 -1.87 -13.38
C LEU A 31 -9.97 -0.76 -12.39
N ASN A 32 -9.61 0.40 -12.92
CA ASN A 32 -9.27 1.54 -12.11
C ASN A 32 -10.49 2.38 -11.78
N VAL A 33 -10.61 2.74 -10.50
CA VAL A 33 -11.67 3.65 -10.08
C VAL A 33 -11.10 4.86 -9.33
N THR A 34 -11.52 6.06 -9.69
CA THR A 34 -11.15 7.19 -8.84
C THR A 34 -12.30 7.55 -7.94
N LEU A 35 -11.97 7.98 -6.71
CA LEU A 35 -12.95 8.34 -5.70
C LEU A 35 -12.77 9.80 -5.29
N GLN A 36 -13.86 10.54 -5.25
CA GLN A 36 -13.89 11.87 -4.67
C GLN A 36 -14.90 11.87 -3.54
N ILE A 37 -14.51 12.38 -2.37
CA ILE A 37 -15.44 12.58 -1.26
C ILE A 37 -15.72 14.07 -1.10
N THR A 38 -16.99 14.40 -1.01
CA THR A 38 -17.43 15.76 -0.72
C THR A 38 -18.13 15.75 0.63
N LEU A 39 -17.65 16.55 1.58
CA LEU A 39 -18.27 16.60 2.89
C LEU A 39 -19.39 17.62 2.88
N SER A 40 -20.62 17.16 3.01
CA SER A 40 -21.77 18.06 2.97
C SER A 40 -21.94 18.73 4.32
N GLN A 41 -21.92 17.93 5.36
CA GLN A 41 -22.28 18.38 6.70
C GLN A 41 -21.80 17.42 7.77
N ILE A 42 -21.38 17.99 8.89
CA ILE A 42 -21.23 17.23 10.12
C ILE A 42 -22.60 17.17 10.79
N LYS A 43 -23.23 15.99 10.78
CA LYS A 43 -24.54 15.85 11.38
C LYS A 43 -24.41 15.74 12.89
N ASP A 44 -23.42 14.98 13.36
CA ASP A 44 -23.21 14.83 14.81
C ASP A 44 -21.79 14.42 15.13
N MET A 45 -21.15 15.14 16.05
CA MET A 45 -19.88 14.68 16.60
C MET A 45 -20.15 14.25 18.03
N ASP A 46 -20.42 12.96 18.19
CA ASP A 46 -20.85 12.39 19.46
C ASP A 46 -19.64 12.07 20.32
N GLU A 47 -19.36 12.91 21.31
CA GLU A 47 -18.17 12.71 22.13
C GLU A 47 -18.38 11.70 23.26
N ARG A 48 -19.63 11.42 23.56
CA ARG A 48 -19.94 10.35 24.51
C ARG A 48 -19.52 8.99 23.94
N ASN A 49 -19.87 8.73 22.68
CA ASN A 49 -19.55 7.45 22.06
C ASN A 49 -18.38 7.52 21.09
N GLN A 50 -17.86 8.74 20.90
CA GLN A 50 -16.77 9.00 19.95
C GLN A 50 -17.14 8.53 18.55
N ILE A 51 -18.32 8.93 18.09
CA ILE A 51 -18.79 8.60 16.75
C ILE A 51 -19.08 9.86 15.95
N LEU A 52 -18.52 9.96 14.76
CA LEU A 52 -18.91 11.02 13.83
C LEU A 52 -20.02 10.52 12.91
N THR A 53 -21.13 11.26 12.86
CA THR A 53 -22.11 11.06 11.80
C THR A 53 -21.93 12.18 10.78
N ALA A 54 -21.67 11.81 9.53
CA ALA A 54 -21.41 12.80 8.47
C ALA A 54 -22.31 12.56 7.26
N TYR A 55 -22.66 13.65 6.58
CA TYR A 55 -23.32 13.55 5.29
C TYR A 55 -22.31 13.81 4.19
N LEU A 56 -22.22 12.88 3.25
CA LEU A 56 -21.21 12.94 2.20
C LEU A 56 -21.83 12.77 0.83
N TRP A 57 -21.14 13.27 -0.18
CA TRP A 57 -21.36 12.83 -1.55
C TRP A 57 -20.13 12.08 -2.02
N ILE A 58 -20.36 10.93 -2.65
CA ILE A 58 -19.26 10.12 -3.14
C ILE A 58 -19.32 10.10 -4.65
N ARG A 59 -18.25 10.56 -5.30
CA ARG A 59 -18.21 10.49 -6.76
C ARG A 59 -17.18 9.44 -7.18
N GLN A 60 -17.65 8.46 -7.93
CA GLN A 60 -16.78 7.40 -8.46
C GLN A 60 -16.71 7.49 -9.98
N ILE A 61 -15.53 7.33 -10.53
CA ILE A 61 -15.32 7.40 -11.97
C ILE A 61 -14.51 6.21 -12.43
N TRP A 62 -14.93 5.56 -13.51
CA TRP A 62 -14.20 4.40 -14.02
C TRP A 62 -14.60 4.17 -15.46
N HIS A 63 -13.86 3.30 -16.14
CA HIS A 63 -14.15 2.95 -17.52
CA HIS A 63 -14.14 2.96 -17.53
C HIS A 63 -14.87 1.62 -17.66
N ASP A 64 -15.95 1.61 -18.43
CA ASP A 64 -16.67 0.37 -18.71
C ASP A 64 -16.35 -0.05 -20.15
N ALA A 65 -15.64 -1.16 -20.30
CA ALA A 65 -15.18 -1.58 -21.62
C ALA A 65 -16.31 -1.95 -22.58
N TYR A 66 -17.51 -2.17 -22.04
CA TYR A 66 -18.62 -2.59 -22.88
C TYR A 66 -19.64 -1.51 -23.20
N LEU A 67 -19.49 -0.33 -22.59
CA LEU A 67 -20.43 0.75 -22.82
C LEU A 67 -19.80 1.91 -23.58
N THR A 68 -19.13 1.60 -24.68
CA THR A 68 -18.59 2.62 -25.55
C THR A 68 -19.39 2.64 -26.85
N TRP A 69 -19.38 3.78 -27.52
CA TRP A 69 -20.00 3.86 -28.83
C TRP A 69 -19.34 4.91 -29.70
N ASP A 70 -19.65 4.82 -31.00
CA ASP A 70 -19.25 5.78 -31.99
C ASP A 70 -20.29 6.90 -32.02
N ARG A 71 -19.90 8.09 -31.58
CA ARG A 71 -20.77 9.26 -31.55
C ARG A 71 -21.41 9.54 -32.91
N ASP A 72 -20.65 9.30 -33.96
CA ASP A 72 -21.10 9.61 -35.31
C ASP A 72 -22.18 8.65 -35.79
N GLN A 73 -22.44 7.59 -35.03
CA GLN A 73 -23.48 6.65 -35.39
C GLN A 73 -24.80 6.96 -34.71
N TYR A 74 -24.77 7.91 -33.77
CA TYR A 74 -25.97 8.26 -33.02
C TYR A 74 -26.18 9.76 -33.06
N ASP A 75 -26.00 10.33 -34.26
CA ASP A 75 -26.23 11.75 -34.52
C ASP A 75 -25.47 12.63 -33.55
N GLY A 76 -24.25 12.21 -33.21
CA GLY A 76 -23.38 13.02 -32.36
C GLY A 76 -23.61 12.88 -30.87
N LEU A 77 -24.60 12.08 -30.46
CA LEU A 77 -24.90 11.91 -29.04
C LEU A 77 -23.66 11.34 -28.34
N ASP A 78 -23.20 12.00 -27.29
CA ASP A 78 -21.91 11.62 -26.71
C ASP A 78 -21.95 11.30 -25.22
N SER A 79 -23.15 11.39 -24.64
CA SER A 79 -23.31 11.17 -23.23
C SER A 79 -24.79 10.95 -22.86
N ILE A 80 -25.08 9.98 -22.01
CA ILE A 80 -26.45 9.79 -21.52
C ILE A 80 -26.46 9.62 -20.00
N ARG A 81 -27.57 10.01 -19.39
CA ARG A 81 -27.73 9.87 -17.95
C ARG A 81 -28.81 8.82 -17.68
N ILE A 82 -28.45 7.78 -16.94
CA ILE A 82 -29.36 6.66 -16.73
C ILE A 82 -29.30 6.20 -15.27
N PRO A 83 -30.35 5.50 -14.81
CA PRO A 83 -30.32 4.94 -13.45
C PRO A 83 -29.06 4.11 -13.21
N SER A 84 -28.46 4.27 -12.04
CA SER A 84 -27.16 3.69 -11.81
C SER A 84 -27.19 2.17 -11.70
N ASP A 85 -28.34 1.59 -11.36
CA ASP A 85 -28.33 0.15 -11.15
C ASP A 85 -28.34 -0.62 -12.47
N LEU A 86 -28.42 0.10 -13.60
CA LEU A 86 -28.32 -0.51 -14.93
C LEU A 86 -26.91 -1.00 -15.27
N VAL A 87 -25.90 -0.35 -14.69
CA VAL A 87 -24.51 -0.67 -15.02
C VAL A 87 -23.82 -1.37 -13.86
N TRP A 88 -22.74 -2.09 -14.15
CA TRP A 88 -21.87 -2.55 -13.08
C TRP A 88 -21.38 -1.32 -12.33
N ARG A 89 -21.34 -1.42 -11.01
CA ARG A 89 -20.77 -0.35 -10.19
C ARG A 89 -19.74 -0.92 -9.23
N PRO A 90 -18.72 -0.13 -8.91
CA PRO A 90 -17.77 -0.58 -7.89
C PRO A 90 -18.52 -0.72 -6.56
N ASP A 91 -18.20 -1.74 -5.77
CA ASP A 91 -18.86 -1.95 -4.50
C ASP A 91 -18.00 -1.33 -3.39
N ILE A 92 -17.65 -0.06 -3.58
CA ILE A 92 -16.88 0.63 -2.58
C ILE A 92 -17.74 1.00 -1.38
N VAL A 93 -17.21 0.72 -0.20
CA VAL A 93 -17.92 0.91 1.04
C VAL A 93 -17.04 1.57 2.07
N LEU A 94 -17.65 2.06 3.14
CA LEU A 94 -16.89 2.52 4.29
C LEU A 94 -16.43 1.34 5.15
N TYR A 95 -15.13 0.99 5.11
CA TYR A 95 -14.65 -0.19 5.84
C TYR A 95 -14.84 -0.01 7.33
N ASN A 96 -14.59 1.19 7.82
CA ASN A 96 -14.58 1.42 9.27
C ASN A 96 -15.89 1.97 9.77
N LYS A 97 -16.98 1.52 9.18
CA LYS A 97 -18.30 1.95 9.62
C LYS A 97 -18.56 1.43 11.03
N ALA A 98 -19.25 2.23 11.83
CA ALA A 98 -19.38 1.93 13.26
C ALA A 98 -20.62 1.10 13.55
N ASP A 99 -21.56 1.06 12.63
CA ASP A 99 -22.86 0.45 12.90
C ASP A 99 -23.17 -0.75 12.01
N ASP A 100 -24.17 -1.52 12.44
CA ASP A 100 -24.61 -2.73 11.74
C ASP A 100 -24.97 -2.51 10.26
N GLU A 101 -25.87 -1.62 9.80
CA GLU A 101 -26.94 -0.76 10.37
C GLU A 101 -26.96 0.43 9.42
N SER A 102 -27.53 0.26 8.25
CA SER A 102 -27.34 1.28 7.21
C SER A 102 -28.64 1.96 6.82
N SER A 103 -28.50 3.04 6.06
CA SER A 103 -29.62 3.81 5.54
C SER A 103 -30.32 3.01 4.46
N GLU A 104 -31.60 3.31 4.21
CA GLU A 104 -32.27 2.78 3.05
C GLU A 104 -31.69 3.46 1.83
N PRO A 105 -31.34 2.69 0.79
CA PRO A 105 -30.63 3.25 -0.36
C PRO A 105 -31.53 4.11 -1.24
N VAL A 106 -31.03 5.26 -1.67
CA VAL A 106 -31.77 6.12 -2.57
C VAL A 106 -31.41 5.85 -4.01
N ASN A 107 -32.25 6.34 -4.90
CA ASN A 107 -32.01 6.21 -6.33
C ASN A 107 -30.98 7.20 -6.79
N THR A 108 -30.02 6.72 -7.56
CA THR A 108 -29.02 7.58 -8.15
C THR A 108 -28.88 7.27 -9.61
N ASN A 109 -28.17 8.15 -10.31
CA ASN A 109 -27.92 8.04 -11.73
CA ASN A 109 -27.91 7.94 -11.71
C ASN A 109 -26.42 7.98 -12.02
N VAL A 110 -26.06 7.50 -13.20
CA VAL A 110 -24.69 7.60 -13.66
C VAL A 110 -24.73 8.42 -14.93
N VAL A 111 -23.62 9.09 -15.27
CA VAL A 111 -23.48 9.66 -16.60
C VAL A 111 -22.50 8.81 -17.40
N LEU A 112 -22.94 8.34 -18.55
CA LEU A 112 -22.14 7.44 -19.37
C LEU A 112 -21.64 8.20 -20.59
N ARG A 113 -20.33 8.30 -20.75
CA ARG A 113 -19.73 9.01 -21.88
C ARG A 113 -19.38 8.03 -22.98
N TYR A 114 -19.31 8.51 -24.22
CA TYR A 114 -19.15 7.64 -25.39
C TYR A 114 -17.88 6.78 -25.37
N ASP A 115 -16.88 7.20 -24.60
CA ASP A 115 -15.63 6.46 -24.55
C ASP A 115 -15.61 5.43 -23.41
N GLY A 116 -16.79 5.19 -22.83
CA GLY A 116 -16.95 4.22 -21.76
C GLY A 116 -16.71 4.80 -20.37
N LEU A 117 -16.46 6.10 -20.28
CA LEU A 117 -16.24 6.72 -18.98
C LEU A 117 -17.54 6.89 -18.23
N ILE A 118 -17.61 6.35 -17.02
CA ILE A 118 -18.82 6.44 -16.23
C ILE A 118 -18.53 7.26 -14.99
N THR A 119 -19.44 8.19 -14.68
CA THR A 119 -19.33 9.01 -13.49
C THR A 119 -20.56 8.76 -12.62
N TRP A 120 -20.34 8.52 -11.33
CA TRP A 120 -21.44 8.14 -10.44
C TRP A 120 -21.37 8.95 -9.16
N ASP A 121 -22.38 9.80 -8.96
CA ASP A 121 -22.54 10.56 -7.72
C ASP A 121 -23.58 9.89 -6.84
N ALA A 122 -23.26 9.66 -5.57
CA ALA A 122 -24.25 9.15 -4.65
C ALA A 122 -24.01 9.79 -3.30
N PRO A 123 -25.10 10.11 -2.59
CA PRO A 123 -25.07 10.61 -1.22
C PRO A 123 -24.88 9.47 -0.24
N ALA A 124 -24.35 9.78 0.94
CA ALA A 124 -24.20 8.75 1.95
C ALA A 124 -24.24 9.40 3.31
N ILE A 125 -24.78 8.66 4.27
CA ILE A 125 -24.67 9.03 5.67
C ILE A 125 -23.70 8.03 6.27
N THR A 126 -22.61 8.52 6.85
CA THR A 126 -21.62 7.63 7.41
C THR A 126 -21.55 7.79 8.92
N LYS A 127 -21.26 6.69 9.60
CA LYS A 127 -21.05 6.73 11.03
C LYS A 127 -19.77 5.99 11.32
N SER A 128 -18.82 6.67 11.95
CA SER A 128 -17.49 6.08 12.15
C SER A 128 -16.84 6.61 13.42
N SER A 129 -15.92 5.84 13.99
CA SER A 129 -15.33 6.23 15.27
C SER A 129 -14.29 7.34 15.07
N CYS A 130 -14.11 8.16 16.09
CA CYS A 130 -13.05 9.16 16.08
C CYS A 130 -12.18 8.99 17.31
N VAL A 131 -11.01 9.63 17.28
CA VAL A 131 -10.12 9.66 18.42
C VAL A 131 -9.84 11.10 18.85
N VAL A 132 -9.99 11.37 20.15
CA VAL A 132 -9.60 12.66 20.70
C VAL A 132 -8.10 12.88 20.54
N ASP A 133 -7.73 14.06 20.06
CA ASP A 133 -6.32 14.44 19.90
C ASP A 133 -6.11 15.84 20.46
N VAL A 134 -5.34 15.94 21.55
CA VAL A 134 -4.99 17.24 22.11
C VAL A 134 -3.48 17.44 22.06
N THR A 135 -2.82 16.60 21.27
CA THR A 135 -1.36 16.61 21.18
C THR A 135 -0.85 17.43 20.00
N TYR A 136 -1.48 17.24 18.84
CA TYR A 136 -1.02 17.85 17.60
C TYR A 136 -1.81 19.11 17.25
N PHE A 137 -1.17 20.05 16.56
CA PHE A 137 -1.82 21.27 16.11
C PHE A 137 -3.14 20.97 15.37
N PRO A 138 -4.22 21.70 15.67
CA PRO A 138 -4.34 22.88 16.54
C PRO A 138 -4.69 22.58 18.02
N PHE A 139 -4.41 21.37 18.46
CA PHE A 139 -4.34 21.03 19.89
C PHE A 139 -5.67 20.94 20.65
N ASP A 140 -6.79 20.79 19.95
CA ASP A 140 -8.05 20.46 20.61
C ASP A 140 -8.95 19.84 19.56
N ASN A 141 -8.68 18.58 19.25
CA ASN A 141 -9.22 17.99 18.04
C ASN A 141 -9.96 16.69 18.20
N GLN A 142 -10.69 16.35 17.15
CA GLN A 142 -11.19 15.00 16.94
C GLN A 142 -10.59 14.54 15.62
N GLN A 143 -9.88 13.42 15.62
CA GLN A 143 -9.44 12.82 14.37
C GLN A 143 -10.44 11.75 13.92
N CYS A 144 -11.03 11.97 12.76
CA CYS A 144 -12.07 11.09 12.26
C CYS A 144 -11.67 10.52 10.91
N ASN A 145 -11.16 9.29 10.92
CA ASN A 145 -10.77 8.67 9.67
C ASN A 145 -11.97 8.12 8.91
N LEU A 146 -11.99 8.30 7.59
CA LEU A 146 -12.98 7.66 6.74
C LEU A 146 -12.26 6.79 5.73
N THR A 147 -12.40 5.48 5.86
CA THR A 147 -11.62 4.56 5.05
C THR A 147 -12.52 3.78 4.11
N PHE A 148 -12.26 3.91 2.82
CA PHE A 148 -13.11 3.36 1.78
C PHE A 148 -12.38 2.37 0.92
N GLY A 149 -13.09 1.34 0.49
CA GLY A 149 -12.53 0.40 -0.46
C GLY A 149 -13.58 -0.59 -0.94
N SER A 150 -13.22 -1.38 -1.96
CA SER A 150 -14.13 -2.41 -2.47
C SER A 150 -14.38 -3.50 -1.45
N TRP A 151 -15.63 -3.94 -1.34
CA TRP A 151 -15.93 -5.03 -0.41
C TRP A 151 -15.47 -6.39 -0.95
N THR A 152 -15.64 -6.65 -2.23
CA THR A 152 -15.40 -8.01 -2.74
C THR A 152 -14.19 -8.14 -3.67
N TYR A 153 -13.65 -7.04 -4.16
CA TYR A 153 -12.57 -7.14 -5.13
C TYR A 153 -11.23 -6.78 -4.48
N ASN A 154 -10.17 -7.54 -4.82
CA ASN A 154 -8.83 -7.16 -4.38
C ASN A 154 -8.24 -6.11 -5.31
N GLY A 155 -7.03 -5.64 -5.01
CA GLY A 155 -6.41 -4.55 -5.75
C GLY A 155 -5.98 -4.88 -7.18
N ASN A 156 -5.89 -6.16 -7.51
CA ASN A 156 -5.61 -6.54 -8.89
C ASN A 156 -6.86 -6.63 -9.76
N GLN A 157 -8.01 -6.52 -9.12
CA GLN A 157 -9.30 -6.59 -9.80
C GLN A 157 -9.89 -5.18 -9.92
N VAL A 158 -9.99 -4.50 -8.79
CA VAL A 158 -10.42 -3.10 -8.77
C VAL A 158 -9.40 -2.33 -7.98
N ASP A 159 -8.74 -1.37 -8.61
CA ASP A 159 -7.75 -0.55 -7.93
C ASP A 159 -8.34 0.85 -7.79
N ILE A 160 -8.25 1.40 -6.58
CA ILE A 160 -8.91 2.66 -6.22
C ILE A 160 -7.85 3.78 -6.14
N PHE A 161 -8.23 5.00 -6.48
CA PHE A 161 -7.30 6.12 -6.49
C PHE A 161 -8.01 7.34 -5.96
N ASN A 162 -7.28 8.25 -5.32
CA ASN A 162 -7.88 9.52 -4.91
C ASN A 162 -8.02 10.42 -6.13
N ALA A 163 -9.21 10.99 -6.33
CA ALA A 163 -9.39 11.98 -7.38
C ALA A 163 -8.72 13.29 -6.97
N LEU A 164 -8.67 13.54 -5.66
CA LEU A 164 -8.16 14.81 -5.15
C LEU A 164 -7.14 14.62 -4.05
N ASP A 165 -6.46 15.71 -3.69
CA ASP A 165 -5.52 15.64 -2.57
C ASP A 165 -6.21 15.53 -1.24
N SER A 166 -7.48 15.94 -1.19
CA SER A 166 -8.17 15.96 0.09
C SER A 166 -9.67 15.78 -0.12
N GLY A 167 -10.41 15.65 0.97
CA GLY A 167 -11.86 15.71 0.92
C GLY A 167 -12.20 17.06 0.32
N ASP A 168 -13.25 17.06 -0.49
CA ASP A 168 -13.75 18.27 -1.14
C ASP A 168 -14.62 19.02 -0.13
N LEU A 169 -14.19 20.24 0.24
CA LEU A 169 -14.93 21.04 1.21
C LEU A 169 -15.70 22.20 0.59
N SER A 170 -15.84 22.22 -0.73
CA SER A 170 -16.42 23.36 -1.44
C SER A 170 -17.95 23.46 -1.35
N ASP A 171 -18.58 22.39 -0.85
CA ASP A 171 -20.04 22.37 -0.69
C ASP A 171 -20.45 22.25 0.78
N PHE A 172 -19.51 22.48 1.68
CA PHE A 172 -19.68 22.18 3.09
C PHE A 172 -20.41 23.29 3.84
N ILE A 173 -21.35 22.93 4.71
CA ILE A 173 -21.99 23.92 5.57
C ILE A 173 -21.34 23.84 6.94
N GLU A 174 -21.02 24.99 7.51
CA GLU A 174 -20.26 25.04 8.76
C GLU A 174 -21.01 24.36 9.91
N ASP A 175 -20.23 23.77 10.81
CA ASP A 175 -20.76 23.28 12.07
C ASP A 175 -20.52 24.29 13.17
N VAL A 176 -21.50 24.49 14.03
CA VAL A 176 -21.41 25.47 15.11
C VAL A 176 -20.35 25.11 16.16
N GLU A 177 -20.12 23.83 16.39
CA GLU A 177 -19.22 23.42 17.47
C GLU A 177 -17.81 23.03 17.01
N TRP A 178 -17.71 22.64 15.73
CA TRP A 178 -16.48 22.08 15.21
C TRP A 178 -16.07 22.76 13.93
N GLU A 179 -14.80 23.13 13.79
CA GLU A 179 -14.34 23.61 12.50
C GLU A 179 -13.51 22.52 11.83
N VAL A 180 -13.59 22.45 10.52
CA VAL A 180 -12.79 21.49 9.78
C VAL A 180 -11.39 22.07 9.63
N HIS A 181 -10.40 21.44 10.23
CA HIS A 181 -9.02 21.92 10.11
C HIS A 181 -8.40 21.39 8.82
N GLY A 182 -8.69 20.14 8.48
CA GLY A 182 -8.24 19.59 7.22
C GLY A 182 -8.91 18.26 6.94
N MET A 183 -8.77 17.78 5.72
CA MET A 183 -9.27 16.44 5.40
C MET A 183 -8.38 15.79 4.33
N PRO A 184 -7.09 15.65 4.63
CA PRO A 184 -6.17 15.07 3.64
C PRO A 184 -6.51 13.63 3.29
N ALA A 185 -6.27 13.26 2.03
CA ALA A 185 -6.54 11.91 1.56
C ALA A 185 -5.25 11.15 1.31
N VAL A 186 -5.22 9.87 1.68
CA VAL A 186 -4.10 9.01 1.32
C VAL A 186 -4.63 7.73 0.71
N LYS A 187 -3.76 6.99 0.03
CA LYS A 187 -4.10 5.65 -0.44
C LYS A 187 -3.18 4.65 0.25
N ASN A 188 -3.78 3.65 0.89
CA ASN A 188 -3.02 2.58 1.54
C ASN A 188 -3.19 1.28 0.78
N VAL A 189 -2.12 0.49 0.68
CA VAL A 189 -2.26 -0.86 0.14
C VAL A 189 -1.54 -1.80 1.09
N ILE A 190 -2.21 -2.88 1.47
CA ILE A 190 -1.55 -3.89 2.29
C ILE A 190 -1.63 -5.26 1.64
N SER A 191 -0.55 -6.02 1.77
CA SER A 191 -0.58 -7.42 1.40
C SER A 191 0.12 -8.21 2.49
N TYR A 192 -0.38 -9.42 2.70
CA TYR A 192 0.07 -10.28 3.81
C TYR A 192 1.04 -11.37 3.33
N GLY A 193 2.16 -11.51 4.04
CA GLY A 193 3.14 -12.53 3.73
C GLY A 193 3.75 -12.42 2.35
N CYS A 194 4.18 -13.55 1.81
CA CYS A 194 4.92 -13.62 0.55
C CYS A 194 4.03 -13.35 -0.65
N CYS A 195 2.81 -13.84 -0.58
CA CYS A 195 2.11 -14.15 -1.82
C CYS A 195 0.63 -13.76 -1.88
N SER A 196 0.14 -12.98 -0.91
CA SER A 196 -1.29 -12.65 -0.93
C SER A 196 -1.62 -11.59 -1.96
N GLU A 197 -2.89 -11.49 -2.29
CA GLU A 197 -3.38 -10.39 -3.09
C GLU A 197 -3.25 -9.06 -2.32
N PRO A 198 -3.24 -7.93 -3.05
CA PRO A 198 -3.20 -6.61 -2.42
C PRO A 198 -4.60 -6.07 -2.07
N TYR A 199 -4.72 -5.40 -0.93
CA TYR A 199 -5.98 -4.83 -0.50
C TYR A 199 -5.82 -3.31 -0.32
N PRO A 200 -6.30 -2.54 -1.29
CA PRO A 200 -6.13 -1.09 -1.26
C PRO A 200 -7.29 -0.40 -0.56
N ASP A 201 -7.04 0.78 0.01
CA ASP A 201 -8.13 1.63 0.47
C ASP A 201 -7.72 3.07 0.21
N VAL A 202 -8.69 3.97 0.28
CA VAL A 202 -8.34 5.38 0.40
C VAL A 202 -8.90 5.84 1.73
N THR A 203 -8.09 6.62 2.45
CA THR A 203 -8.48 7.09 3.76
C THR A 203 -8.45 8.60 3.79
N PHE A 204 -9.54 9.20 4.27
CA PHE A 204 -9.61 10.64 4.49
C PHE A 204 -9.47 10.88 5.98
N THR A 205 -8.48 11.66 6.38
CA THR A 205 -8.33 11.95 7.80
C THR A 205 -8.96 13.30 8.08
N LEU A 206 -10.23 13.28 8.46
CA LEU A 206 -10.95 14.50 8.80
C LEU A 206 -10.53 14.99 10.18
N LEU A 207 -9.84 16.12 10.23
CA LEU A 207 -9.40 16.65 11.52
C LEU A 207 -10.29 17.81 11.89
N LEU A 208 -11.01 17.64 13.01
CA LEU A 208 -11.95 18.64 13.50
C LEU A 208 -11.34 19.37 14.68
N LYS A 209 -11.40 20.70 14.66
CA LYS A 209 -10.97 21.50 15.80
C LYS A 209 -12.18 22.04 16.55
N ARG A 210 -12.20 21.80 17.86
CA ARG A 210 -13.25 22.34 18.72
C ARG A 210 -13.26 23.87 18.66
N ARG A 211 -14.43 24.47 18.46
CA ARG A 211 -14.53 25.92 18.60
C ARG A 211 -14.54 26.30 20.07
N SER A 212 -13.76 27.32 20.43
CA SER A 212 -13.60 27.70 21.83
C SER A 212 -14.91 28.20 22.45
N GLY B 3 43.66 -21.90 -16.74
CA GLY B 3 42.39 -21.21 -16.90
C GLY B 3 42.06 -20.26 -15.76
N LYS B 4 41.91 -18.98 -16.09
CA LYS B 4 41.56 -17.94 -15.13
C LYS B 4 40.21 -17.36 -15.52
N TYR B 5 39.20 -18.21 -15.56
CA TYR B 5 37.90 -17.81 -16.09
C TYR B 5 37.12 -16.87 -15.19
N ALA B 6 37.25 -17.04 -13.87
CA ALA B 6 36.53 -16.15 -12.96
C ALA B 6 37.10 -14.74 -13.05
N GLN B 7 38.42 -14.65 -13.11
CA GLN B 7 39.08 -13.37 -13.29
C GLN B 7 38.60 -12.69 -14.56
N LYS B 8 38.61 -13.43 -15.66
CA LYS B 8 38.19 -12.89 -16.94
C LYS B 8 36.74 -12.40 -16.89
N LEU B 9 35.87 -13.21 -16.28
CA LEU B 9 34.47 -12.83 -16.13
C LEU B 9 34.32 -11.57 -15.30
N PHE B 10 35.04 -11.51 -14.19
CA PHE B 10 34.99 -10.33 -13.33
C PHE B 10 35.41 -9.10 -14.12
N ASN B 11 36.54 -9.20 -14.81
CA ASN B 11 37.03 -8.07 -15.58
C ASN B 11 36.06 -7.65 -16.68
N ASP B 12 35.39 -8.62 -17.29
CA ASP B 12 34.44 -8.32 -18.36
C ASP B 12 33.20 -7.66 -17.79
N LEU B 13 32.76 -8.14 -16.63
CA LEU B 13 31.54 -7.63 -16.02
C LEU B 13 31.69 -6.21 -15.51
N PHE B 14 32.82 -5.90 -14.88
CA PHE B 14 32.95 -4.62 -14.19
C PHE B 14 33.79 -3.61 -14.95
N GLU B 15 34.17 -3.95 -16.17
CA GLU B 15 34.92 -3.05 -17.03
C GLU B 15 34.23 -1.69 -17.17
N ASP B 16 32.91 -1.71 -17.33
CA ASP B 16 32.14 -0.48 -17.48
C ASP B 16 30.88 -0.53 -16.65
N TYR B 17 31.06 -0.63 -15.35
CA TYR B 17 29.95 -0.81 -14.44
C TYR B 17 30.02 0.24 -13.34
N SER B 18 28.88 0.86 -13.05
CA SER B 18 28.81 1.82 -11.96
C SER B 18 27.90 1.33 -10.85
N ASN B 19 28.45 1.17 -9.65
CA ASN B 19 27.64 0.71 -8.53
C ASN B 19 26.73 1.82 -7.96
N ALA B 20 26.77 3.01 -8.55
CA ALA B 20 25.92 4.10 -8.09
C ALA B 20 24.54 4.05 -8.76
N LEU B 21 24.48 3.34 -9.88
CA LEU B 21 23.30 3.40 -10.75
C LEU B 21 22.41 2.19 -10.57
N ARG B 22 21.15 2.46 -10.20
CA ARG B 22 20.14 1.43 -10.17
C ARG B 22 20.20 0.67 -11.48
N PRO B 23 20.43 -0.65 -11.40
CA PRO B 23 20.79 -1.39 -12.62
C PRO B 23 19.60 -1.80 -13.47
N VAL B 24 18.86 -0.82 -13.96
CA VAL B 24 17.81 -1.09 -14.93
C VAL B 24 18.21 -0.47 -16.26
N GLU B 25 17.76 -1.07 -17.34
CA GLU B 25 18.06 -0.59 -18.68
C GLU B 25 17.30 0.69 -18.95
N ASP B 26 16.11 0.78 -18.37
CA ASP B 26 15.19 1.88 -18.58
C ASP B 26 14.83 2.48 -17.23
N THR B 27 15.10 3.78 -17.08
CA THR B 27 14.91 4.54 -15.85
C THR B 27 13.51 4.42 -15.22
N ASP B 28 12.47 4.44 -16.04
CA ASP B 28 11.12 4.43 -15.47
C ASP B 28 10.57 3.00 -15.36
N LYS B 29 11.44 2.01 -15.56
CA LYS B 29 11.13 0.63 -15.19
C LYS B 29 11.49 0.40 -13.72
N VAL B 30 10.77 -0.49 -13.08
CA VAL B 30 10.97 -0.76 -11.65
C VAL B 30 12.04 -1.83 -11.47
N LEU B 31 12.70 -1.81 -10.32
CA LEU B 31 13.56 -2.92 -9.89
C LEU B 31 12.97 -3.59 -8.66
N ASN B 32 12.71 -4.89 -8.76
CA ASN B 32 12.11 -5.63 -7.66
C ASN B 32 13.15 -6.22 -6.71
N VAL B 33 12.91 -6.09 -5.41
CA VAL B 33 13.78 -6.66 -4.40
C VAL B 33 12.96 -7.52 -3.44
N THR B 34 13.39 -8.75 -3.18
CA THR B 34 12.73 -9.47 -2.11
C THR B 34 13.58 -9.39 -0.85
N LEU B 35 12.92 -9.41 0.29
CA LEU B 35 13.58 -9.23 1.57
C LEU B 35 13.22 -10.37 2.48
N GLN B 36 14.24 -10.97 3.10
CA GLN B 36 14.06 -12.00 4.12
C GLN B 36 14.73 -11.52 5.40
N ILE B 37 14.02 -11.58 6.51
CA ILE B 37 14.60 -11.22 7.79
C ILE B 37 14.74 -12.46 8.66
N THR B 38 15.96 -12.70 9.12
CA THR B 38 16.22 -13.82 10.02
C THR B 38 16.56 -13.25 11.41
N LEU B 39 15.79 -13.65 12.41
CA LEU B 39 16.04 -13.16 13.77
C LEU B 39 17.06 -14.03 14.47
N SER B 40 18.23 -13.48 14.79
CA SER B 40 19.26 -14.30 15.43
C SER B 40 19.05 -14.37 16.93
N GLN B 41 18.72 -13.23 17.53
CA GLN B 41 18.78 -13.09 18.97
C GLN B 41 18.09 -11.80 19.40
N ILE B 42 17.31 -11.91 20.47
CA ILE B 42 16.87 -10.73 21.21
C ILE B 42 18.01 -10.32 22.11
N LYS B 43 18.68 -9.22 21.78
CA LYS B 43 19.82 -8.81 22.58
C LYS B 43 19.36 -8.17 23.87
N ASP B 44 18.28 -7.40 23.79
CA ASP B 44 17.75 -6.71 24.96
C ASP B 44 16.33 -6.25 24.69
N MET B 45 15.41 -6.58 25.59
CA MET B 45 14.08 -5.97 25.58
C MET B 45 14.03 -5.00 26.77
N ASP B 46 14.38 -3.75 26.51
CA ASP B 46 14.46 -2.73 27.55
C ASP B 46 13.06 -2.17 27.84
N GLU B 47 12.48 -2.55 28.98
CA GLU B 47 11.14 -2.08 29.32
C GLU B 47 11.15 -0.71 29.97
N ARG B 48 12.33 -0.24 30.38
CA ARG B 48 12.42 1.10 30.92
C ARG B 48 12.16 2.09 29.80
N ASN B 49 12.86 1.91 28.69
CA ASN B 49 12.75 2.82 27.55
C ASN B 49 11.88 2.28 26.41
N GLN B 50 11.40 1.04 26.56
CA GLN B 50 10.57 0.38 25.56
C GLN B 50 11.31 0.30 24.23
N ILE B 51 12.55 -0.16 24.29
CA ILE B 51 13.38 -0.36 23.11
C ILE B 51 13.79 -1.81 22.98
N LEU B 52 13.56 -2.40 21.81
CA LEU B 52 14.12 -3.72 21.50
C LEU B 52 15.44 -3.57 20.76
N THR B 53 16.49 -4.20 21.27
CA THR B 53 17.73 -4.36 20.52
C THR B 53 17.77 -5.79 20.02
N ALA B 54 17.84 -5.97 18.69
CA ALA B 54 17.81 -7.29 18.09
C ALA B 54 18.99 -7.53 17.17
N TYR B 55 19.42 -8.78 17.09
CA TYR B 55 20.42 -9.17 16.10
C TYR B 55 19.72 -9.88 14.97
N LEU B 56 19.95 -9.39 13.74
CA LEU B 56 19.25 -9.90 12.57
C LEU B 56 20.20 -10.24 11.45
N TRP B 57 19.74 -11.10 10.56
CA TRP B 57 20.34 -11.23 9.23
C TRP B 57 19.34 -10.79 8.19
N ILE B 58 19.78 -9.94 7.26
CA ILE B 58 18.91 -9.49 6.19
C ILE B 58 19.37 -10.08 4.86
N ARG B 59 18.49 -10.83 4.20
CA ARG B 59 18.79 -11.32 2.86
C ARG B 59 17.98 -10.56 1.82
N GLN B 60 18.68 -9.92 0.89
CA GLN B 60 18.04 -9.22 -0.21
C GLN B 60 18.39 -9.91 -1.54
N ILE B 61 17.39 -10.05 -2.38
CA ILE B 61 17.53 -10.67 -3.69
C ILE B 61 16.93 -9.79 -4.77
N TRP B 62 17.71 -9.53 -5.82
CA TRP B 62 17.21 -8.73 -6.94
C TRP B 62 17.97 -9.07 -8.21
N HIS B 63 17.49 -8.55 -9.33
CA HIS B 63 18.16 -8.76 -10.61
CA HIS B 63 18.14 -8.75 -10.63
C HIS B 63 18.95 -7.53 -11.05
N ASP B 64 20.18 -7.76 -11.48
CA ASP B 64 21.01 -6.70 -12.03
C ASP B 64 21.11 -6.90 -13.55
N ALA B 65 20.50 -6.00 -14.31
CA ALA B 65 20.44 -6.12 -15.77
C ALA B 65 21.81 -6.12 -16.45
N TYR B 66 22.84 -5.66 -15.74
CA TYR B 66 24.14 -5.50 -16.38
C TYR B 66 25.15 -6.56 -15.97
N LEU B 67 24.79 -7.42 -15.03
CA LEU B 67 25.74 -8.47 -14.59
C LEU B 67 25.23 -9.86 -14.97
N THR B 68 25.02 -10.06 -16.26
CA THR B 68 24.67 -11.37 -16.77
C THR B 68 25.75 -11.83 -17.73
N TRP B 69 25.83 -13.13 -17.96
CA TRP B 69 26.79 -13.66 -18.91
C TRP B 69 26.38 -15.02 -19.46
N ASP B 70 26.99 -15.38 -20.57
CA ASP B 70 26.85 -16.69 -21.18
C ASP B 70 27.83 -17.65 -20.51
N ARG B 71 27.28 -18.62 -19.77
CA ARG B 71 28.10 -19.61 -19.06
C ARG B 71 29.08 -20.31 -19.99
N ASP B 72 28.67 -20.52 -21.24
CA ASP B 72 29.50 -21.22 -22.22
C ASP B 72 30.79 -20.48 -22.55
N GLN B 73 30.78 -19.16 -22.37
CA GLN B 73 31.95 -18.34 -22.67
C GLN B 73 32.95 -18.35 -21.52
N TYR B 74 32.54 -18.88 -20.37
CA TYR B 74 33.42 -18.87 -19.21
C TYR B 74 33.55 -20.25 -18.57
N ASP B 75 33.65 -21.26 -19.43
CA ASP B 75 33.96 -22.63 -19.02
C ASP B 75 32.91 -23.20 -18.07
N GLY B 76 31.68 -22.74 -18.20
CA GLY B 76 30.58 -23.27 -17.41
C GLY B 76 30.34 -22.54 -16.10
N LEU B 77 31.20 -21.57 -15.78
CA LEU B 77 31.08 -20.82 -14.54
C LEU B 77 29.73 -20.11 -14.47
N ASP B 78 28.96 -20.36 -13.42
CA ASP B 78 27.58 -19.85 -13.37
C ASP B 78 27.27 -18.98 -12.16
N SER B 79 28.22 -18.85 -11.24
CA SER B 79 28.08 -17.91 -10.14
C SER B 79 29.43 -17.55 -9.49
N ILE B 80 29.54 -16.31 -9.01
CA ILE B 80 30.73 -15.87 -8.30
C ILE B 80 30.33 -15.12 -7.03
N ARG B 81 31.20 -15.18 -6.03
CA ARG B 81 30.98 -14.47 -4.77
C ARG B 81 32.02 -13.37 -4.68
N ILE B 82 31.55 -12.12 -4.52
CA ILE B 82 32.43 -10.95 -4.50
C ILE B 82 31.99 -9.97 -3.39
N PRO B 83 32.90 -9.08 -2.96
CA PRO B 83 32.54 -8.03 -1.99
C PRO B 83 31.27 -7.29 -2.41
N SER B 84 30.39 -7.02 -1.47
CA SER B 84 29.07 -6.52 -1.82
C SER B 84 29.12 -5.08 -2.33
N ASP B 85 30.17 -4.36 -1.94
CA ASP B 85 30.21 -2.94 -2.27
C ASP B 85 30.63 -2.71 -3.72
N LEU B 86 30.94 -3.78 -4.44
CA LEU B 86 31.27 -3.70 -5.86
C LEU B 86 30.04 -3.52 -6.76
N VAL B 87 28.87 -3.97 -6.31
CA VAL B 87 27.66 -3.89 -7.14
C VAL B 87 26.70 -2.85 -6.58
N TRP B 88 25.78 -2.39 -7.41
CA TRP B 88 24.68 -1.58 -6.87
C TRP B 88 23.94 -2.42 -5.85
N ARG B 89 23.60 -1.80 -4.72
CA ARG B 89 22.81 -2.48 -3.69
C ARG B 89 21.59 -1.65 -3.35
N PRO B 90 20.46 -2.31 -3.05
CA PRO B 90 19.30 -1.57 -2.56
C PRO B 90 19.67 -0.89 -1.26
N ASP B 91 19.22 0.34 -1.04
CA ASP B 91 19.55 1.06 0.19
C ASP B 91 18.40 0.88 1.20
N ILE B 92 18.05 -0.38 1.45
CA ILE B 92 17.00 -0.67 2.39
C ILE B 92 17.50 -0.46 3.83
N VAL B 93 16.68 0.20 4.63
CA VAL B 93 17.02 0.58 6.00
C VAL B 93 15.85 0.35 6.95
N LEU B 94 16.14 0.33 8.23
CA LEU B 94 15.08 0.25 9.23
C LEU B 94 14.48 1.65 9.42
N TYR B 95 13.29 1.88 8.88
CA TYR B 95 12.68 3.21 8.98
C TYR B 95 12.48 3.64 10.42
N ASN B 96 12.04 2.70 11.26
CA ASN B 96 11.66 3.08 12.61
C ASN B 96 12.77 2.82 13.61
N LYS B 97 14.02 3.06 13.20
CA LYS B 97 15.13 2.94 14.13
C LYS B 97 14.99 3.95 15.27
N ALA B 98 15.39 3.55 16.47
CA ALA B 98 15.20 4.39 17.65
C ALA B 98 16.38 5.30 17.87
N ASP B 99 17.48 5.02 17.20
CA ASP B 99 18.72 5.75 17.43
C ASP B 99 19.24 6.38 16.14
N ASP B 100 20.13 7.36 16.28
CA ASP B 100 20.87 7.87 15.14
C ASP B 100 22.29 7.32 15.20
N GLU B 101 22.51 6.44 16.17
CA GLU B 101 23.80 5.76 16.32
C GLU B 101 24.13 4.96 15.07
N SER B 102 25.36 5.09 14.61
CA SER B 102 25.82 4.38 13.43
C SER B 102 26.89 3.35 13.78
N SER B 103 26.59 2.07 13.56
CA SER B 103 27.57 1.02 13.72
C SER B 103 28.48 0.97 12.50
N GLU B 104 29.73 0.56 12.69
CA GLU B 104 30.66 0.41 11.60
C GLU B 104 30.26 -0.75 10.70
N PRO B 105 30.09 -0.49 9.40
CA PRO B 105 29.59 -1.50 8.45
C PRO B 105 30.53 -2.69 8.30
N VAL B 106 30.06 -3.86 8.72
CA VAL B 106 30.80 -5.09 8.50
C VAL B 106 30.93 -5.32 6.99
N ASN B 107 32.02 -5.93 6.56
CA ASN B 107 32.14 -6.29 5.16
C ASN B 107 31.28 -7.51 4.89
N THR B 108 30.60 -7.49 3.75
CA THR B 108 29.73 -8.57 3.34
C THR B 108 29.98 -8.87 1.88
N ASN B 109 29.50 -10.01 1.44
CA ASN B 109 29.61 -10.41 0.04
C ASN B 109 28.24 -10.59 -0.59
N VAL B 110 28.23 -10.64 -1.91
CA VAL B 110 27.03 -11.00 -2.65
C VAL B 110 27.37 -12.22 -3.49
N VAL B 111 26.36 -13.03 -3.79
CA VAL B 111 26.53 -14.08 -4.77
C VAL B 111 25.83 -13.66 -6.03
N LEU B 112 26.57 -13.65 -7.12
CA LEU B 112 26.05 -13.19 -8.41
C LEU B 112 25.90 -14.38 -9.33
N ARG B 113 24.68 -14.62 -9.80
CA ARG B 113 24.39 -15.74 -10.69
C ARG B 113 24.41 -15.27 -12.13
N TYR B 114 24.65 -16.19 -13.07
CA TYR B 114 24.84 -15.84 -14.47
C TYR B 114 23.65 -15.14 -15.11
N ASP B 115 22.47 -15.29 -14.52
CA ASP B 115 21.29 -14.63 -15.08
C ASP B 115 21.04 -13.26 -14.45
N GLY B 116 22.07 -12.71 -13.80
CA GLY B 116 21.95 -11.40 -13.18
C GLY B 116 21.31 -11.43 -11.81
N LEU B 117 21.01 -12.63 -11.31
CA LEU B 117 20.38 -12.72 -9.99
C LEU B 117 21.40 -12.49 -8.88
N ILE B 118 21.13 -11.52 -8.01
CA ILE B 118 22.06 -11.23 -6.94
C ILE B 118 21.43 -11.53 -5.58
N THR B 119 22.17 -12.22 -4.73
CA THR B 119 21.75 -12.53 -3.36
C THR B 119 22.72 -11.91 -2.38
N TRP B 120 22.19 -11.16 -1.41
CA TRP B 120 23.00 -10.41 -0.46
C TRP B 120 22.56 -10.66 0.99
N ASP B 121 23.42 -11.32 1.75
CA ASP B 121 23.21 -11.52 3.19
C ASP B 121 24.02 -10.52 3.99
N ALA B 122 23.37 -9.86 4.93
CA ALA B 122 24.08 -8.91 5.79
C ALA B 122 23.53 -8.98 7.19
N PRO B 123 24.41 -8.96 8.20
CA PRO B 123 23.98 -8.90 9.59
C PRO B 123 23.59 -7.48 9.98
N ALA B 124 22.78 -7.35 11.02
CA ALA B 124 22.40 -6.03 11.49
C ALA B 124 21.99 -6.07 12.95
N ILE B 125 22.36 -5.03 13.68
CA ILE B 125 21.83 -4.79 15.00
C ILE B 125 20.81 -3.68 14.87
N THR B 126 19.57 -3.97 15.25
CA THR B 126 18.51 -2.98 15.18
C THR B 126 18.09 -2.54 16.58
N LYS B 127 17.74 -1.26 16.69
CA LYS B 127 17.15 -0.72 17.90
C LYS B 127 15.86 -0.02 17.50
N SER B 128 14.77 -0.40 18.15
CA SER B 128 13.46 0.10 17.74
C SER B 128 12.47 0.07 18.90
N SER B 129 11.44 0.90 18.83
CA SER B 129 10.52 1.00 19.95
C SER B 129 9.50 -0.11 19.91
N CYS B 130 9.07 -0.53 21.10
CA CYS B 130 7.97 -1.48 21.21
C CYS B 130 6.82 -0.89 22.00
N VAL B 131 5.67 -1.54 21.93
CA VAL B 131 4.52 -1.14 22.75
C VAL B 131 4.07 -2.33 23.59
N VAL B 132 3.84 -2.09 24.87
CA VAL B 132 3.24 -3.09 25.76
C VAL B 132 1.83 -3.44 25.28
N ASP B 133 1.49 -4.73 25.29
CA ASP B 133 0.17 -5.21 24.91
C ASP B 133 -0.26 -6.30 25.87
N VAL B 134 -1.28 -6.00 26.69
CA VAL B 134 -1.84 -6.97 27.61
C VAL B 134 -3.29 -7.25 27.24
N THR B 135 -3.64 -6.88 26.02
CA THR B 135 -5.02 -6.94 25.54
C THR B 135 -5.27 -8.12 24.61
N TYR B 136 -4.30 -8.43 23.76
CA TYR B 136 -4.48 -9.48 22.78
C TYR B 136 -3.67 -10.72 23.15
N PHE B 137 -4.19 -11.89 22.75
CA PHE B 137 -3.55 -13.17 23.01
C PHE B 137 -2.09 -13.13 22.57
N PRO B 138 -1.16 -13.64 23.41
CA PRO B 138 -1.31 -14.37 24.67
C PRO B 138 -1.34 -13.52 25.95
N PHE B 139 -1.63 -12.22 25.81
CA PHE B 139 -2.10 -11.37 26.90
C PHE B 139 -1.05 -10.86 27.89
N ASP B 140 0.23 -10.98 27.54
CA ASP B 140 1.28 -10.32 28.32
C ASP B 140 2.47 -10.09 27.43
N ASN B 141 2.35 -9.08 26.57
CA ASN B 141 3.20 -9.00 25.41
C ASN B 141 3.94 -7.70 25.24
N GLN B 142 4.94 -7.75 24.37
CA GLN B 142 5.58 -6.57 23.82
C GLN B 142 5.43 -6.68 22.30
N GLN B 143 4.82 -5.67 21.68
CA GLN B 143 4.71 -5.67 20.23
C GLN B 143 5.85 -4.83 19.65
N CYS B 144 6.69 -5.45 18.83
CA CYS B 144 7.90 -4.80 18.33
C CYS B 144 7.92 -4.81 16.82
N ASN B 145 7.48 -3.70 16.22
CA ASN B 145 7.46 -3.61 14.77
C ASN B 145 8.86 -3.31 14.23
N LEU B 146 9.22 -3.96 13.15
CA LEU B 146 10.44 -3.66 12.41
C LEU B 146 10.02 -3.32 11.00
N THR B 147 10.16 -2.05 10.62
CA THR B 147 9.69 -1.60 9.30
C THR B 147 10.85 -1.20 8.39
N PHE B 148 10.90 -1.82 7.22
CA PHE B 148 12.05 -1.69 6.32
C PHE B 148 11.66 -1.15 4.96
N GLY B 149 12.53 -0.31 4.38
CA GLY B 149 12.30 0.12 3.02
C GLY B 149 13.50 0.88 2.50
N SER B 150 13.46 1.22 1.21
CA SER B 150 14.48 2.06 0.62
C SER B 150 14.51 3.47 1.18
N TRP B 151 15.71 3.97 1.44
CA TRP B 151 15.84 5.34 1.90
C TRP B 151 15.54 6.36 0.81
N THR B 152 16.03 6.11 -0.40
CA THR B 152 16.04 7.15 -1.44
C THR B 152 15.18 6.86 -2.65
N TYR B 153 14.72 5.62 -2.81
CA TYR B 153 13.94 5.26 -3.99
C TYR B 153 12.46 5.11 -3.66
N ASN B 154 11.59 5.61 -4.52
CA ASN B 154 10.15 5.34 -4.36
C ASN B 154 9.76 3.99 -4.95
N GLY B 155 8.48 3.62 -4.80
CA GLY B 155 8.01 2.28 -5.16
C GLY B 155 7.98 2.02 -6.65
N ASN B 156 8.06 3.07 -7.45
CA ASN B 156 8.15 2.88 -8.90
C ASN B 156 9.61 2.73 -9.36
N GLN B 157 10.55 2.90 -8.45
CA GLN B 157 11.96 2.76 -8.77
C GLN B 157 12.50 1.48 -8.15
N VAL B 158 12.26 1.30 -6.85
CA VAL B 158 12.56 0.04 -6.17
C VAL B 158 11.31 -0.41 -5.44
N ASP B 159 10.80 -1.57 -5.84
CA ASP B 159 9.63 -2.15 -5.21
C ASP B 159 10.09 -3.34 -4.37
N ILE B 160 9.60 -3.42 -3.14
CA ILE B 160 10.11 -4.37 -2.17
C ILE B 160 9.04 -5.42 -1.87
N PHE B 161 9.45 -6.67 -1.68
CA PHE B 161 8.51 -7.76 -1.43
C PHE B 161 9.00 -8.62 -0.31
N ASN B 162 8.08 -9.19 0.47
CA ASN B 162 8.42 -10.21 1.45
C ASN B 162 8.78 -11.50 0.77
N ALA B 163 9.95 -12.06 1.09
CA ALA B 163 10.30 -13.36 0.57
C ALA B 163 9.54 -14.45 1.29
N LEU B 164 9.19 -14.19 2.55
CA LEU B 164 8.53 -15.18 3.39
C LEU B 164 7.25 -14.63 4.02
N ASP B 165 6.44 -15.51 4.62
CA ASP B 165 5.23 -15.07 5.30
C ASP B 165 5.53 -14.42 6.63
N SER B 166 6.69 -14.74 7.19
CA SER B 166 7.07 -14.22 8.49
CA SER B 166 7.06 -14.20 8.47
C SER B 166 8.57 -14.00 8.55
N GLY B 167 9.03 -13.46 9.67
CA GLY B 167 10.45 -13.44 9.95
C GLY B 167 10.85 -14.90 10.08
N ASP B 168 12.08 -15.17 9.66
CA ASP B 168 12.67 -16.51 9.70
C ASP B 168 13.21 -16.77 11.10
N LEU B 169 12.65 -17.77 11.75
CA LEU B 169 13.02 -18.06 13.15
C LEU B 169 13.86 -19.34 13.27
N SER B 170 14.26 -19.90 12.13
CA SER B 170 14.97 -21.18 12.13
C SER B 170 16.43 -21.12 12.67
N ASP B 171 16.97 -19.92 12.83
CA ASP B 171 18.32 -19.75 13.37
C ASP B 171 18.32 -19.04 14.72
N PHE B 172 17.15 -18.97 15.33
CA PHE B 172 16.94 -18.15 16.52
C PHE B 172 17.41 -18.84 17.80
N ILE B 173 18.10 -18.12 18.68
CA ILE B 173 18.43 -18.65 19.99
C ILE B 173 17.46 -18.05 21.02
N GLU B 174 16.93 -18.90 21.89
CA GLU B 174 15.88 -18.48 22.81
C GLU B 174 16.35 -17.39 23.77
N ASP B 175 15.40 -16.56 24.20
CA ASP B 175 15.64 -15.59 25.26
C ASP B 175 15.04 -16.10 26.57
N VAL B 176 15.76 -15.92 27.68
CA VAL B 176 15.34 -16.45 28.98
C VAL B 176 14.08 -15.74 29.50
N GLU B 177 13.91 -14.47 29.12
CA GLU B 177 12.78 -13.69 29.63
C GLU B 177 11.58 -13.60 28.71
N TRP B 178 11.82 -13.68 27.41
CA TRP B 178 10.77 -13.45 26.42
C TRP B 178 10.67 -14.61 25.43
N GLU B 179 9.45 -15.07 25.17
CA GLU B 179 9.28 -16.03 24.10
C GLU B 179 8.73 -15.34 22.88
N VAL B 180 9.14 -15.82 21.72
CA VAL B 180 8.62 -15.27 20.46
C VAL B 180 7.30 -15.94 20.10
N HIS B 181 6.21 -15.18 20.17
CA HIS B 181 4.92 -15.73 19.84
C HIS B 181 4.73 -15.79 18.33
N GLY B 182 5.12 -14.74 17.63
CA GLY B 182 5.01 -14.73 16.19
C GLY B 182 5.81 -13.57 15.61
N MET B 183 6.01 -13.60 14.30
CA MET B 183 6.70 -12.49 13.62
C MET B 183 6.14 -12.35 12.20
N PRO B 184 4.81 -12.20 12.09
CA PRO B 184 4.22 -12.11 10.75
C PRO B 184 4.75 -10.92 9.94
N ALA B 185 4.82 -11.08 8.63
CA ALA B 185 5.31 -10.02 7.76
C ALA B 185 4.17 -9.46 6.90
N VAL B 186 4.12 -8.15 6.72
CA VAL B 186 3.21 -7.56 5.75
C VAL B 186 3.95 -6.59 4.85
N LYS B 187 3.30 -6.18 3.77
CA LYS B 187 3.82 -5.12 2.92
C LYS B 187 2.84 -3.97 2.91
N ASN B 188 3.33 -2.77 3.21
CA ASN B 188 2.48 -1.58 3.14
C ASN B 188 2.93 -0.67 2.02
N VAL B 189 1.97 -0.05 1.34
CA VAL B 189 2.31 0.99 0.39
C VAL B 189 1.40 2.17 0.66
N ILE B 190 1.98 3.36 0.78
CA ILE B 190 1.17 4.55 0.95
C ILE B 190 1.48 5.55 -0.15
N SER B 191 0.46 6.26 -0.62
CA SER B 191 0.68 7.37 -1.52
C SER B 191 -0.22 8.49 -1.06
N TYR B 192 0.24 9.71 -1.21
CA TYR B 192 -0.45 10.88 -0.68
C TYR B 192 -1.19 11.67 -1.73
N GLY B 193 -2.45 12.00 -1.43
CA GLY B 193 -3.27 12.78 -2.31
C GLY B 193 -3.48 12.07 -3.64
N CYS B 194 -3.65 12.86 -4.70
CA CYS B 194 -4.06 12.32 -5.98
C CYS B 194 -2.90 11.73 -6.76
N CYS B 195 -1.71 12.26 -6.51
CA CYS B 195 -0.71 12.23 -7.55
C CYS B 195 0.72 12.01 -7.06
N SER B 196 0.90 11.57 -5.82
CA SER B 196 2.24 11.34 -5.29
C SER B 196 2.78 9.99 -5.74
N GLU B 197 4.09 9.86 -5.65
CA GLU B 197 4.76 8.58 -5.84
C GLU B 197 4.37 7.62 -4.71
N PRO B 198 4.45 6.30 -4.95
CA PRO B 198 4.16 5.30 -3.92
C PRO B 198 5.38 5.04 -3.02
N TYR B 199 5.14 4.87 -1.72
CA TYR B 199 6.21 4.57 -0.77
C TYR B 199 5.95 3.25 -0.04
N PRO B 200 6.62 2.17 -0.47
CA PRO B 200 6.39 0.85 0.11
C PRO B 200 7.29 0.55 1.29
N ASP B 201 6.82 -0.32 2.20
CA ASP B 201 7.70 -0.90 3.20
C ASP B 201 7.31 -2.36 3.41
N VAL B 202 8.18 -3.13 4.06
CA VAL B 202 7.75 -4.39 4.65
C VAL B 202 7.92 -4.24 6.16
N THR B 203 6.92 -4.71 6.89
CA THR B 203 6.92 -4.62 8.33
C THR B 203 6.78 -6.00 8.95
N PHE B 204 7.68 -6.29 9.87
CA PHE B 204 7.61 -7.51 10.66
C PHE B 204 7.08 -7.15 12.03
N THR B 205 5.98 -7.77 12.43
CA THR B 205 5.45 -7.50 13.77
C THR B 205 5.86 -8.59 14.73
N LEU B 206 7.02 -8.40 15.34
CA LEU B 206 7.55 -9.34 16.31
C LEU B 206 6.76 -9.22 17.61
N LEU B 207 6.00 -10.27 17.93
CA LEU B 207 5.20 -10.26 19.15
C LEU B 207 5.89 -11.14 20.19
N LEU B 208 6.29 -10.52 21.29
CA LEU B 208 7.02 -11.21 22.35
C LEU B 208 6.08 -11.45 23.50
N LYS B 209 6.12 -12.65 24.08
CA LYS B 209 5.33 -12.96 25.27
C LYS B 209 6.25 -13.07 26.48
N ARG B 210 5.93 -12.34 27.53
CA ARG B 210 6.64 -12.48 28.80
C ARG B 210 6.58 -13.93 29.29
N ARG B 211 7.73 -14.54 29.52
CA ARG B 211 7.76 -15.92 30.04
C ARG B 211 7.24 -15.99 31.46
N SER B 212 6.60 -17.11 31.78
CA SER B 212 6.17 -17.41 33.14
C SER B 212 6.53 -18.85 33.51
#